data_5KCV
#
_entry.id   5KCV
#
_cell.length_a   44.720
_cell.length_b   87.620
_cell.length_c   128.790
_cell.angle_alpha   90.00
_cell.angle_beta   90.00
_cell.angle_gamma   90.00
#
_symmetry.space_group_name_H-M   'P 21 21 21'
#
loop_
_entity.id
_entity.type
_entity.pdbx_description
1 polymer 'RAC-alpha serine/threonine-protein kinase'
2 non-polymer 3-[3-[4-(1-azanylcyclobutyl)phenyl]-5-phenyl-imidazo[4,5-b]pyridin-2-yl]pyridin-2-amine
3 water water
#
_entity_poly.entity_id   1
_entity_poly.type   'polypeptide(L)'
_entity_poly.pdbx_seq_one_letter_code
;MGHHHHHHENLYFQGSDVAIVKEGWLHKRGEYIKTWRPRYFLLKNDGTFIGYKERPQDVDQREAPLNNFSVAQCQLMKTE
RPRPNTFIIRCLQWTTVIERTFHVETPEEREEWTTAIQTVADGLKKQAAAEMDFRSGSPSDNSGAEEMEVSLAKPKHRVT
MNEFEYLKLLGKGTFGKVILVKEKATGRYYAMKILKKEVIVAKDEVAHTLTENRVLQNSRHPFLTALKYSFQTHDRLCFV
MEYANGGELFFHLSRERVFSEDRARFYGAEIVSALDYLHSEKNVVYRDLKLENLMLDKDGHIKITDFGLCKEGIKDGATM
KTFCGTPEYLAPEVLEDNDYGRAVDWWGLGVVMYEMMCGRLPFYNQDHEKLFELILMEEIRFPRTLGPEAKSLLSGLLKK
DPKQRLGGGSEDAKEIMQHRFFAGIVWQHVYEKKLSPPFKPQVTSETDTRYFDEEFTAQM
;
_entity_poly.pdbx_strand_id   A
#
# COMPACT_ATOMS: atom_id res chain seq x y z
N ILE A 20 -9.14 -19.72 17.95
CA ILE A 20 -9.05 -20.54 16.71
C ILE A 20 -10.35 -21.30 16.47
N VAL A 21 -11.07 -20.89 15.44
CA VAL A 21 -12.32 -21.54 15.05
C VAL A 21 -12.11 -22.77 14.15
N LYS A 22 -11.15 -22.74 13.23
CA LYS A 22 -10.85 -23.90 12.38
C LYS A 22 -9.45 -23.76 11.84
N GLU A 23 -8.83 -24.84 11.42
CA GLU A 23 -7.48 -24.79 10.86
C GLU A 23 -7.16 -26.03 10.03
N GLY A 24 -6.18 -25.96 9.15
CA GLY A 24 -5.89 -27.07 8.25
C GLY A 24 -5.46 -26.55 6.90
N TRP A 25 -4.88 -27.43 6.10
CA TRP A 25 -4.32 -27.06 4.80
C TRP A 25 -5.38 -26.68 3.81
N LEU A 26 -5.04 -25.69 3.00
CA LEU A 26 -5.83 -25.23 1.88
C LEU A 26 -4.83 -25.07 0.78
N HIS A 27 -5.32 -24.99 -0.45
CA HIS A 27 -4.49 -24.56 -1.59
C HIS A 27 -4.76 -23.09 -1.79
N LYS A 28 -3.71 -22.30 -2.03
CA LYS A 28 -3.87 -20.85 -2.26
C LYS A 28 -3.22 -20.50 -3.56
N ARG A 29 -3.87 -19.61 -4.30
CA ARG A 29 -3.35 -19.16 -5.59
C ARG A 29 -2.33 -18.01 -5.35
N GLY A 30 -1.21 -18.11 -6.07
CA GLY A 30 -0.12 -17.13 -5.92
C GLY A 30 -0.55 -15.76 -6.41
N GLU A 31 -0.94 -14.89 -5.47
CA GLU A 31 -1.31 -13.49 -5.80
C GLU A 31 -0.39 -12.81 -6.84
N TYR A 32 0.89 -13.16 -6.84
CA TYR A 32 1.82 -12.69 -7.87
C TYR A 32 2.57 -14.01 -8.17
N ILE A 33 3.76 -13.93 -8.79
CA ILE A 33 4.44 -14.97 -9.56
C ILE A 33 4.60 -16.27 -8.79
N THR A 35 1.65 -20.57 -9.12
CA THR A 35 0.21 -20.45 -9.04
C THR A 35 -0.34 -21.00 -7.70
N TRP A 36 -0.61 -22.31 -7.63
CA TRP A 36 -1.17 -22.93 -6.41
C TRP A 36 -0.09 -23.51 -5.50
N ARG A 37 -0.27 -23.32 -4.19
CA ARG A 37 0.65 -23.81 -3.21
C ARG A 37 -0.12 -24.13 -1.95
N PRO A 38 0.12 -25.30 -1.35
CA PRO A 38 -0.61 -25.59 -0.14
C PRO A 38 -0.12 -24.71 0.96
N ARG A 39 -0.96 -24.42 1.94
CA ARG A 39 -0.54 -23.55 3.03
C ARG A 39 -1.47 -23.76 4.18
N TYR A 40 -0.93 -23.69 5.39
CA TYR A 40 -1.67 -24.07 6.57
C TYR A 40 -2.36 -22.85 7.11
N PHE A 41 -3.69 -22.84 7.06
CA PHE A 41 -4.44 -21.66 7.41
C PHE A 41 -4.98 -21.72 8.81
N LEU A 42 -5.23 -20.54 9.40
CA LEU A 42 -5.80 -20.38 10.72
C LEU A 42 -6.89 -19.34 10.71
N LEU A 43 -8.14 -19.78 10.69
CA LEU A 43 -9.24 -18.86 10.96
C LEU A 43 -9.24 -18.59 12.46
N LYS A 44 -9.69 -17.41 12.88
CA LYS A 44 -9.75 -17.07 14.32
C LYS A 44 -11.00 -16.30 14.66
N ASN A 45 -11.21 -16.10 15.95
CA ASN A 45 -12.41 -15.43 16.46
C ASN A 45 -12.35 -13.90 16.22
N ASP A 46 -11.14 -13.36 16.04
CA ASP A 46 -10.96 -11.92 15.74
C ASP A 46 -11.32 -11.54 14.29
N GLY A 47 -11.55 -12.56 13.46
CA GLY A 47 -11.85 -12.35 12.06
C GLY A 47 -10.72 -12.91 11.23
N THR A 48 -9.50 -12.90 11.79
CA THR A 48 -8.29 -13.09 10.99
C THR A 48 -8.26 -14.43 10.30
N PHE A 49 -7.64 -14.48 9.13
CA PHE A 49 -7.56 -15.69 8.34
C PHE A 49 -6.25 -15.60 7.58
N ILE A 50 -5.29 -16.46 7.94
CA ILE A 50 -3.88 -16.28 7.57
C ILE A 50 -3.28 -17.64 7.28
N GLY A 51 -2.26 -17.69 6.45
CA GLY A 51 -1.71 -18.95 6.02
C GLY A 51 -0.21 -18.96 6.08
N TYR A 52 0.31 -19.99 6.74
CA TYR A 52 1.75 -20.11 6.99
C TYR A 52 2.33 -21.20 6.10
N LYS A 53 3.64 -21.18 5.85
CA LYS A 53 4.26 -22.15 4.92
C LYS A 53 4.29 -23.57 5.54
N GLU A 54 4.23 -23.66 6.88
CA GLU A 54 4.09 -24.93 7.61
C GLU A 54 3.17 -24.68 8.81
N ARG A 55 2.68 -25.77 9.41
CA ARG A 55 1.89 -25.70 10.66
C ARG A 55 2.64 -24.87 11.72
N PRO A 56 2.12 -23.67 12.04
CA PRO A 56 2.94 -22.62 12.71
C PRO A 56 3.52 -23.02 14.06
N ALA A 64 1.13 -8.59 15.98
CA ALA A 64 -0.25 -8.15 16.27
C ALA A 64 -1.16 -8.34 15.05
N PRO A 65 -2.50 -8.26 15.22
CA PRO A 65 -3.38 -8.66 14.10
C PRO A 65 -3.58 -7.52 13.13
N LEU A 66 -3.82 -7.87 11.87
CA LEU A 66 -3.93 -6.87 10.80
C LEU A 66 -5.27 -7.06 10.13
N ASN A 67 -5.93 -5.95 9.88
CA ASN A 67 -7.27 -6.01 9.34
C ASN A 67 -7.28 -6.39 7.87
N ASN A 68 -6.10 -6.39 7.23
CA ASN A 68 -5.95 -6.87 5.85
C ASN A 68 -6.34 -8.35 5.68
N PHE A 69 -6.05 -9.16 6.69
CA PHE A 69 -6.30 -10.58 6.63
C PHE A 69 -7.65 -10.98 7.24
N SER A 70 -8.40 -10.02 7.78
CA SER A 70 -9.71 -10.32 8.37
C SER A 70 -10.79 -10.69 7.35
N VAL A 71 -11.82 -11.37 7.85
CA VAL A 71 -12.92 -11.86 7.04
C VAL A 71 -14.15 -10.98 7.26
N ALA A 72 -14.05 -9.96 8.11
CA ALA A 72 -15.17 -9.04 8.35
C ALA A 72 -15.85 -8.51 7.05
N GLN A 73 -17.17 -8.66 7.01
CA GLN A 73 -17.98 -8.22 5.88
C GLN A 73 -17.39 -8.60 4.52
N CYS A 74 -16.82 -9.79 4.44
CA CYS A 74 -16.37 -10.36 3.17
C CYS A 74 -17.49 -11.17 2.53
N GLN A 75 -17.28 -11.60 1.29
CA GLN A 75 -18.32 -12.29 0.53
C GLN A 75 -17.79 -13.57 -0.11
N LEU A 76 -18.35 -14.72 0.30
CA LEU A 76 -17.89 -16.03 -0.19
C LEU A 76 -18.55 -16.46 -1.50
N MET A 77 -17.82 -17.22 -2.30
CA MET A 77 -18.27 -17.59 -3.62
C MET A 77 -17.74 -18.96 -3.96
N LYS A 78 -18.57 -19.99 -3.79
CA LYS A 78 -18.23 -21.32 -4.27
C LYS A 78 -18.12 -21.22 -5.79
N THR A 79 -17.31 -22.05 -6.40
CA THR A 79 -17.14 -21.99 -7.83
C THR A 79 -16.45 -23.28 -8.26
N GLU A 80 -16.38 -23.55 -9.57
CA GLU A 80 -15.70 -24.74 -10.08
C GLU A 80 -14.70 -24.42 -11.19
N ARG A 81 -14.38 -23.15 -11.35
CA ARG A 81 -13.38 -22.70 -12.30
C ARG A 81 -12.27 -21.99 -11.52
N PRO A 82 -10.98 -22.27 -11.87
CA PRO A 82 -10.55 -23.22 -12.88
C PRO A 82 -10.16 -24.58 -12.26
N ARG A 83 -10.74 -24.93 -11.11
CA ARG A 83 -10.50 -26.23 -10.47
C ARG A 83 -11.70 -26.49 -9.57
N PRO A 84 -12.28 -27.70 -9.63
CA PRO A 84 -13.44 -27.91 -8.77
C PRO A 84 -13.15 -27.66 -7.28
N ASN A 85 -14.20 -27.47 -6.51
CA ASN A 85 -14.08 -27.23 -5.07
C ASN A 85 -13.30 -25.97 -4.74
N THR A 86 -13.27 -25.01 -5.68
CA THR A 86 -12.66 -23.74 -5.45
C THR A 86 -13.62 -22.85 -4.67
N PHE A 87 -13.07 -21.91 -3.89
CA PHE A 87 -13.88 -20.83 -3.32
C PHE A 87 -13.10 -19.52 -3.21
N ILE A 88 -13.84 -18.42 -3.19
CA ILE A 88 -13.26 -17.09 -3.26
C ILE A 88 -13.79 -16.23 -2.13
N ILE A 89 -12.87 -15.50 -1.51
CA ILE A 89 -13.25 -14.51 -0.50
C ILE A 89 -13.02 -13.17 -1.16
N ARG A 90 -14.07 -12.35 -1.24
CA ARG A 90 -13.97 -11.01 -1.79
C ARG A 90 -14.36 -10.00 -0.75
N CYS A 91 -13.53 -8.98 -0.57
CA CYS A 91 -13.73 -8.02 0.49
C CYS A 91 -13.51 -6.63 -0.04
N LEU A 92 -14.36 -5.70 0.40
CA LEU A 92 -14.11 -4.29 0.23
C LEU A 92 -13.43 -3.80 1.50
N GLN A 93 -12.14 -3.50 1.38
CA GLN A 93 -11.37 -2.95 2.49
C GLN A 93 -11.13 -1.47 2.21
N TRP A 94 -11.77 -0.63 3.02
CA TRP A 94 -11.74 0.82 2.84
C TRP A 94 -12.34 1.19 1.47
N THR A 95 -11.56 1.57 0.44
CA THR A 95 -12.13 1.87 -0.89
C THR A 95 -11.65 0.90 -1.96
N THR A 96 -11.07 -0.20 -1.53
CA THR A 96 -10.36 -1.10 -2.45
C THR A 96 -10.91 -2.51 -2.32
N VAL A 97 -11.12 -3.18 -3.45
CA VAL A 97 -11.63 -4.58 -3.45
C VAL A 97 -10.49 -5.57 -3.41
N ILE A 98 -10.61 -6.57 -2.54
CA ILE A 98 -9.57 -7.59 -2.28
C ILE A 98 -10.14 -8.97 -2.54
N GLU A 99 -9.37 -9.78 -3.26
CA GLU A 99 -9.72 -11.12 -3.60
C GLU A 99 -8.62 -12.10 -3.18
N ARG A 100 -9.00 -13.14 -2.45
CA ARG A 100 -8.15 -14.31 -2.24
C ARG A 100 -8.92 -15.55 -2.74
N THR A 101 -8.23 -16.42 -3.46
CA THR A 101 -8.86 -17.63 -3.98
C THR A 101 -8.24 -18.91 -3.40
N PHE A 102 -9.10 -19.84 -3.01
CA PHE A 102 -8.67 -21.12 -2.44
C PHE A 102 -9.32 -22.30 -3.10
N HIS A 103 -8.83 -23.49 -2.78
CA HIS A 103 -9.36 -24.72 -3.33
C HIS A 103 -9.09 -25.89 -2.38
N VAL A 104 -10.11 -26.67 -2.08
CA VAL A 104 -9.94 -27.82 -1.20
C VAL A 104 -10.08 -29.09 -1.99
N GLU A 105 -10.07 -30.24 -1.34
CA GLU A 105 -10.15 -31.54 -2.02
C GLU A 105 -11.54 -32.09 -2.30
N THR A 106 -12.51 -31.81 -1.45
CA THR A 106 -13.87 -32.28 -1.64
C THR A 106 -14.89 -31.21 -1.33
N PRO A 107 -16.14 -31.31 -1.92
CA PRO A 107 -17.09 -30.24 -1.59
C PRO A 107 -17.60 -30.10 -0.16
N GLU A 108 -17.65 -31.16 0.60
CA GLU A 108 -18.09 -31.13 2.00
C GLU A 108 -17.03 -30.44 2.84
N GLU A 109 -15.77 -30.54 2.37
CA GLU A 109 -14.62 -29.88 2.97
C GLU A 109 -14.69 -28.37 2.72
N ARG A 110 -14.90 -28.00 1.46
CA ARG A 110 -15.12 -26.61 1.08
C ARG A 110 -16.25 -26.02 1.88
N GLU A 111 -17.28 -26.84 2.08
CA GLU A 111 -18.48 -26.43 2.82
C GLU A 111 -18.18 -26.25 4.31
N GLU A 112 -17.28 -27.05 4.86
CA GLU A 112 -16.90 -26.86 6.27
C GLU A 112 -16.36 -25.45 6.40
N TRP A 113 -15.22 -25.19 5.73
CA TRP A 113 -14.60 -23.86 5.67
C TRP A 113 -15.59 -22.70 5.44
N THR A 114 -16.33 -22.79 4.35
CA THR A 114 -17.37 -21.81 4.05
C THR A 114 -18.21 -21.44 5.29
N THR A 115 -18.91 -22.43 5.86
CA THR A 115 -19.72 -22.18 7.04
C THR A 115 -18.88 -21.62 8.17
N ALA A 116 -17.70 -22.22 8.38
CA ALA A 116 -16.77 -21.70 9.39
C ALA A 116 -16.55 -20.18 9.21
N ILE A 117 -16.14 -19.81 8.00
CA ILE A 117 -15.90 -18.40 7.62
C ILE A 117 -17.15 -17.51 7.78
N GLN A 118 -18.34 -17.99 7.39
CA GLN A 118 -19.59 -17.20 7.57
C GLN A 118 -20.31 -17.57 8.86
N ARG A 158 -26.27 14.42 1.82
CA ARG A 158 -26.07 13.50 0.67
C ARG A 158 -25.34 14.18 -0.53
N VAL A 159 -24.84 13.35 -1.45
CA VAL A 159 -24.28 13.87 -2.71
C VAL A 159 -24.53 12.84 -3.81
N THR A 160 -24.53 13.26 -5.07
CA THR A 160 -24.74 12.32 -6.17
C THR A 160 -23.84 12.72 -7.30
N MET A 161 -23.81 11.90 -8.34
CA MET A 161 -22.93 12.14 -9.46
C MET A 161 -23.16 13.46 -10.12
N ASN A 162 -24.32 14.09 -9.86
CA ASN A 162 -24.66 15.37 -10.53
C ASN A 162 -23.85 16.55 -9.97
N GLU A 163 -23.33 16.37 -8.75
CA GLU A 163 -22.52 17.37 -8.05
C GLU A 163 -21.10 17.62 -8.58
N PHE A 164 -20.67 16.89 -9.61
CA PHE A 164 -19.29 16.93 -10.07
C PHE A 164 -19.12 17.00 -11.59
N GLU A 165 -18.00 17.60 -12.03
CA GLU A 165 -17.55 17.59 -13.43
C GLU A 165 -16.54 16.48 -13.60
N TYR A 166 -16.59 15.75 -14.69
CA TYR A 166 -15.65 14.68 -14.96
C TYR A 166 -14.66 15.16 -16.00
N LEU A 167 -13.37 15.14 -15.66
CA LEU A 167 -12.34 15.87 -16.41
C LEU A 167 -11.21 15.06 -17.01
N LYS A 168 -10.74 14.02 -16.34
CA LYS A 168 -9.64 13.22 -16.87
C LYS A 168 -9.65 11.84 -16.20
N LEU A 169 -9.23 10.82 -16.96
CA LEU A 169 -9.22 9.43 -16.52
C LEU A 169 -7.91 9.09 -15.86
N LEU A 170 -7.87 9.11 -14.54
CA LEU A 170 -6.63 8.88 -13.79
C LEU A 170 -6.23 7.42 -13.77
N GLY A 171 -7.21 6.51 -13.85
CA GLY A 171 -6.88 5.09 -13.87
C GLY A 171 -8.08 4.20 -14.10
N LYS A 172 -7.92 3.17 -14.91
CA LYS A 172 -9.00 2.17 -15.16
C LYS A 172 -8.50 0.87 -14.54
N GLY A 173 -9.39 -0.09 -14.32
CA GLY A 173 -8.99 -1.42 -13.90
C GLY A 173 -10.22 -2.30 -13.83
N THR A 174 -10.03 -3.53 -13.39
CA THR A 174 -11.10 -4.54 -13.45
C THR A 174 -12.35 -4.18 -12.66
N PHE A 175 -12.17 -3.71 -11.43
CA PHE A 175 -13.29 -3.41 -10.51
C PHE A 175 -13.92 -1.99 -10.63
N GLY A 176 -13.29 -1.09 -11.37
CA GLY A 176 -13.82 0.22 -11.58
C GLY A 176 -12.82 1.21 -12.18
N LYS A 177 -13.11 2.50 -11.99
CA LYS A 177 -12.35 3.59 -12.61
C LYS A 177 -12.05 4.68 -11.54
N VAL A 178 -11.04 5.49 -11.79
CA VAL A 178 -10.76 6.67 -10.97
C VAL A 178 -10.78 7.89 -11.90
N ILE A 179 -11.54 8.91 -11.52
CA ILE A 179 -11.74 10.08 -12.39
C ILE A 179 -11.31 11.35 -11.66
N LEU A 180 -10.50 12.19 -12.31
CA LEU A 180 -10.34 13.57 -11.83
C LEU A 180 -11.65 14.34 -11.96
N VAL A 181 -12.01 15.03 -10.90
CA VAL A 181 -13.34 15.56 -10.76
C VAL A 181 -13.29 16.91 -10.07
N LYS A 182 -14.07 17.87 -10.56
CA LYS A 182 -14.27 19.14 -9.85
C LYS A 182 -15.64 19.12 -9.21
N GLU A 183 -15.74 19.59 -7.98
CA GLU A 183 -17.01 19.68 -7.28
C GLU A 183 -17.65 21.01 -7.69
N LYS A 184 -18.86 20.95 -8.27
CA LYS A 184 -19.56 22.12 -8.86
C LYS A 184 -19.81 23.22 -7.83
N ALA A 185 -20.24 22.82 -6.64
CA ALA A 185 -20.58 23.76 -5.58
C ALA A 185 -19.40 24.46 -4.85
N THR A 186 -18.14 24.19 -5.26
CA THR A 186 -16.95 24.81 -4.63
C THR A 186 -15.78 25.08 -5.58
N GLY A 187 -15.69 24.39 -6.70
CA GLY A 187 -14.56 24.59 -7.63
C GLY A 187 -13.38 23.71 -7.26
N ARG A 188 -13.46 22.99 -6.13
CA ARG A 188 -12.31 22.21 -5.63
C ARG A 188 -12.22 20.86 -6.36
N TYR A 189 -10.98 20.42 -6.64
CA TYR A 189 -10.70 19.16 -7.36
C TYR A 189 -10.50 17.93 -6.42
N TYR A 190 -11.25 16.86 -6.66
CA TYR A 190 -11.03 15.59 -5.99
C TYR A 190 -10.85 14.46 -6.99
N ALA A 191 -10.57 13.26 -6.48
CA ALA A 191 -10.52 12.04 -7.31
C ALA A 191 -11.71 11.19 -6.90
N MET A 192 -12.39 10.60 -7.90
CA MET A 192 -13.59 9.83 -7.65
C MET A 192 -13.27 8.44 -8.10
N LYS A 193 -13.41 7.50 -7.17
CA LYS A 193 -13.24 6.11 -7.43
C LYS A 193 -14.61 5.51 -7.59
N ILE A 194 -14.83 4.83 -8.71
CA ILE A 194 -16.16 4.30 -9.04
C ILE A 194 -16.03 2.81 -9.26
N LEU A 195 -16.58 2.02 -8.37
CA LEU A 195 -16.48 0.58 -8.41
C LEU A 195 -17.75 -0.05 -8.92
N LYS A 196 -17.63 -0.88 -9.95
CA LYS A 196 -18.78 -1.65 -10.49
C LYS A 196 -19.22 -2.66 -9.45
N LYS A 197 -20.52 -2.74 -9.12
CA LYS A 197 -20.99 -3.77 -8.15
C LYS A 197 -21.09 -5.23 -8.63
N VAL A 215 -20.65 4.39 8.93
CA VAL A 215 -19.85 3.25 8.46
C VAL A 215 -18.32 3.51 8.54
N LEU A 216 -17.81 4.59 7.92
CA LEU A 216 -16.36 4.81 7.80
C LEU A 216 -15.88 6.07 8.52
N GLN A 217 -14.91 5.89 9.43
CA GLN A 217 -14.24 6.99 10.10
C GLN A 217 -12.86 7.18 9.47
N ASN A 218 -12.57 8.39 9.01
CA ASN A 218 -11.25 8.73 8.45
C ASN A 218 -10.10 8.63 9.44
N SER A 219 -8.88 8.65 8.91
CA SER A 219 -7.65 8.62 9.69
C SER A 219 -7.26 10.08 9.96
N ARG A 220 -7.16 10.44 11.22
CA ARG A 220 -6.68 11.79 11.56
C ARG A 220 -5.16 11.84 11.38
N HIS A 221 -4.74 11.90 10.12
CA HIS A 221 -3.30 12.01 9.78
C HIS A 221 -3.23 12.67 8.44
N PRO A 222 -2.40 13.68 8.31
CA PRO A 222 -2.51 14.54 7.13
C PRO A 222 -2.00 13.97 5.78
N PHE A 223 -1.04 13.03 5.80
CA PHE A 223 -0.41 12.53 4.55
C PHE A 223 -1.06 11.25 3.93
N LEU A 224 -2.05 10.69 4.61
CA LEU A 224 -2.93 9.71 4.02
C LEU A 224 -4.01 10.43 3.19
N THR A 225 -4.71 9.68 2.36
CA THR A 225 -5.69 10.21 1.45
C THR A 225 -7.04 10.14 2.13
N ALA A 226 -7.64 11.32 2.36
CA ALA A 226 -8.92 11.41 3.06
C ALA A 226 -10.11 11.19 2.12
N LEU A 227 -11.15 10.61 2.70
CA LEU A 227 -12.37 10.30 1.97
C LEU A 227 -13.42 11.38 2.30
N LYS A 228 -13.71 12.28 1.34
CA LYS A 228 -14.72 13.35 1.55
C LYS A 228 -16.16 12.86 1.45
N TYR A 229 -16.49 12.06 0.42
CA TYR A 229 -17.87 11.54 0.21
C TYR A 229 -17.88 10.11 -0.28
N SER A 230 -18.77 9.34 0.28
CA SER A 230 -19.04 8.01 -0.15
C SER A 230 -20.54 7.90 -0.46
N PHE A 231 -20.88 7.54 -1.69
CA PHE A 231 -22.28 7.29 -2.02
C PHE A 231 -22.39 6.17 -3.06
N GLN A 232 -23.63 5.77 -3.36
CA GLN A 232 -23.90 4.60 -4.18
C GLN A 232 -24.96 4.97 -5.23
N THR A 233 -24.80 4.42 -6.43
CA THR A 233 -25.84 4.40 -7.45
C THR A 233 -26.40 2.99 -7.54
N HIS A 234 -27.21 2.70 -8.54
CA HIS A 234 -27.82 1.35 -8.65
C HIS A 234 -26.83 0.26 -9.11
N ASP A 235 -25.74 0.64 -9.80
CA ASP A 235 -24.76 -0.33 -10.23
C ASP A 235 -23.30 0.05 -9.91
N ARG A 236 -23.09 1.08 -9.10
CA ARG A 236 -21.74 1.63 -8.84
C ARG A 236 -21.61 2.11 -7.41
N LEU A 237 -20.39 2.00 -6.90
CA LEU A 237 -20.01 2.48 -5.58
C LEU A 237 -19.09 3.63 -5.85
N CYS A 238 -19.32 4.75 -5.19
CA CYS A 238 -18.60 5.99 -5.49
C CYS A 238 -17.92 6.56 -4.25
N PHE A 239 -16.62 6.89 -4.40
CA PHE A 239 -15.79 7.38 -3.29
C PHE A 239 -15.07 8.58 -3.80
N VAL A 240 -15.30 9.71 -3.14
CA VAL A 240 -14.68 10.96 -3.49
C VAL A 240 -13.56 11.24 -2.44
N MET A 241 -12.34 11.42 -2.93
CA MET A 241 -11.20 11.49 -2.03
C MET A 241 -10.21 12.55 -2.52
N GLU A 242 -9.41 13.05 -1.59
CA GLU A 242 -8.39 14.03 -1.89
C GLU A 242 -7.56 13.65 -3.11
N TYR A 243 -7.14 14.66 -3.87
CA TYR A 243 -6.22 14.49 -4.96
C TYR A 243 -5.25 15.66 -4.98
N ALA A 244 -4.00 15.37 -4.57
CA ALA A 244 -2.99 16.40 -4.45
C ALA A 244 -2.63 16.92 -5.82
N ASN A 245 -2.51 18.26 -5.86
CA ASN A 245 -2.31 19.06 -7.10
C ASN A 245 -0.90 19.61 -7.21
N GLY A 246 0.05 18.90 -6.59
CA GLY A 246 1.46 19.29 -6.54
C GLY A 246 2.37 18.41 -7.36
N GLY A 247 1.82 17.45 -8.07
CA GLY A 247 2.64 16.68 -8.99
C GLY A 247 2.94 15.33 -8.37
N GLU A 248 3.30 14.38 -9.21
CA GLU A 248 3.66 13.08 -8.74
C GLU A 248 5.12 13.06 -8.39
N LEU A 249 5.44 12.49 -7.25
CA LEU A 249 6.85 12.45 -6.82
C LEU A 249 7.72 11.71 -7.84
N PHE A 250 7.13 10.88 -8.67
CA PHE A 250 7.89 10.15 -9.66
C PHE A 250 8.29 11.08 -10.77
N PHE A 251 7.52 12.12 -10.96
CA PHE A 251 7.86 13.08 -12.02
C PHE A 251 8.92 14.03 -11.51
N HIS A 252 8.64 14.71 -10.39
CA HIS A 252 9.67 15.54 -9.74
C HIS A 252 11.05 14.88 -9.65
N LEU A 253 11.10 13.56 -9.60
CA LEU A 253 12.35 12.86 -9.51
C LEU A 253 12.90 12.61 -10.87
N SER A 254 12.05 12.19 -11.82
CA SER A 254 12.47 12.00 -13.22
C SER A 254 13.18 13.27 -13.73
N ARG A 255 12.57 14.44 -13.47
CA ARG A 255 13.15 15.73 -13.79
C ARG A 255 14.53 15.83 -13.15
N GLU A 256 14.59 15.87 -11.83
CA GLU A 256 15.85 16.17 -11.12
C GLU A 256 16.88 15.04 -11.14
N ARG A 257 16.50 13.85 -11.61
CA ARG A 257 17.37 12.68 -11.66
C ARG A 257 17.60 12.03 -10.23
N VAL A 258 18.11 12.81 -9.28
CA VAL A 258 18.32 12.33 -7.95
C VAL A 258 17.93 13.36 -6.90
N PHE A 259 17.61 12.90 -5.68
CA PHE A 259 17.32 13.76 -4.53
C PHE A 259 18.50 13.76 -3.55
N SER A 260 18.63 14.86 -2.84
CA SER A 260 19.72 15.01 -1.89
C SER A 260 19.31 14.21 -0.65
N GLU A 261 20.28 13.82 0.17
CA GLU A 261 20.02 12.95 1.32
C GLU A 261 19.08 13.56 2.30
N ASP A 262 18.96 14.88 2.27
CA ASP A 262 18.10 15.56 3.22
C ASP A 262 16.69 15.82 2.69
N ARG A 263 16.54 15.85 1.38
CA ARG A 263 15.22 15.90 0.77
C ARG A 263 14.55 14.56 0.91
N ALA A 264 15.30 13.48 0.69
CA ALA A 264 14.82 12.12 0.91
C ALA A 264 14.39 11.95 2.34
N ARG A 265 15.19 12.45 3.27
CA ARG A 265 14.83 12.48 4.69
C ARG A 265 13.48 13.15 4.97
N PHE A 266 13.20 14.21 4.24
CA PHE A 266 11.91 14.88 4.39
C PHE A 266 10.76 14.00 3.94
N TYR A 267 10.85 13.48 2.71
CA TYR A 267 9.86 12.50 2.20
C TYR A 267 9.77 11.24 3.07
N GLY A 268 10.94 10.70 3.42
CA GLY A 268 11.06 9.48 4.23
C GLY A 268 10.36 9.66 5.58
N ALA A 269 10.48 10.84 6.18
CA ALA A 269 9.91 11.03 7.51
C ALA A 269 8.40 11.15 7.48
N GLU A 270 7.90 11.85 6.49
CA GLU A 270 6.44 11.94 6.33
C GLU A 270 5.84 10.54 6.06
N ILE A 271 6.48 9.76 5.19
CA ILE A 271 5.98 8.42 4.88
C ILE A 271 5.93 7.59 6.13
N VAL A 272 7.04 7.59 6.87
CA VAL A 272 7.15 6.79 8.12
C VAL A 272 6.10 7.19 9.11
N SER A 273 5.84 8.48 9.25
CA SER A 273 4.76 8.97 10.12
C SER A 273 3.46 8.43 9.66
N ALA A 274 3.20 8.56 8.37
CA ALA A 274 1.94 8.05 7.81
C ALA A 274 1.77 6.53 8.03
N LEU A 275 2.79 5.75 7.69
CA LEU A 275 2.68 4.32 7.86
C LEU A 275 2.63 3.88 9.30
N ASP A 276 3.39 4.59 10.14
CA ASP A 276 3.25 4.43 11.58
C ASP A 276 1.81 4.60 12.06
N TYR A 277 1.19 5.74 11.75
CA TYR A 277 -0.24 5.87 12.04
C TYR A 277 -1.07 4.67 11.62
N LEU A 278 -0.92 4.21 10.36
CA LEU A 278 -1.74 3.08 9.84
C LEU A 278 -1.52 1.79 10.57
N HIS A 279 -0.29 1.55 10.94
CA HIS A 279 0.09 0.28 11.52
C HIS A 279 -0.50 0.15 12.92
N SER A 280 -0.34 1.20 13.73
CA SER A 280 -0.72 1.14 15.15
C SER A 280 -2.14 1.63 15.41
N GLU A 281 -2.53 2.73 14.82
CA GLU A 281 -3.88 3.23 14.98
C GLU A 281 -4.93 2.46 14.20
N LYS A 282 -4.56 1.79 13.12
CA LYS A 282 -5.56 1.03 12.33
C LYS A 282 -5.30 -0.47 12.18
N ASN A 283 -4.15 -0.96 12.63
CA ASN A 283 -3.75 -2.32 12.32
C ASN A 283 -3.93 -2.65 10.82
N VAL A 284 -3.35 -1.79 9.98
CA VAL A 284 -3.43 -1.98 8.54
C VAL A 284 -2.06 -1.79 7.90
N VAL A 285 -1.69 -2.66 6.98
CA VAL A 285 -0.52 -2.42 6.12
C VAL A 285 -0.95 -1.87 4.79
N TYR A 286 -0.14 -0.95 4.24
CA TYR A 286 -0.41 -0.31 2.95
C TYR A 286 -0.04 -1.16 1.71
N ARG A 287 1.05 -1.89 1.81
CA ARG A 287 1.40 -2.94 0.83
C ARG A 287 1.85 -2.52 -0.53
N ASP A 288 1.59 -1.28 -0.90
CA ASP A 288 1.94 -0.81 -2.22
C ASP A 288 2.73 0.44 -2.15
N LEU A 289 3.57 0.57 -1.14
CA LEU A 289 4.45 1.71 -1.08
C LEU A 289 5.43 1.64 -2.25
N LYS A 290 5.24 2.57 -3.20
CA LYS A 290 6.15 2.77 -4.34
C LYS A 290 6.04 4.19 -4.85
N LEU A 291 6.89 4.53 -5.78
CA LEU A 291 7.04 5.94 -6.18
C LEU A 291 5.74 6.46 -6.81
N GLU A 292 5.17 5.63 -7.69
CA GLU A 292 3.88 5.90 -8.33
C GLU A 292 2.80 6.24 -7.33
N ASN A 293 2.92 5.81 -6.07
CA ASN A 293 1.86 6.01 -5.10
C ASN A 293 2.11 7.18 -4.16
N LEU A 294 3.03 8.06 -4.54
CA LEU A 294 3.31 9.27 -3.81
C LEU A 294 3.15 10.49 -4.68
N MET A 295 2.37 11.44 -4.20
CA MET A 295 2.26 12.75 -4.81
C MET A 295 2.66 13.86 -3.80
N LEU A 296 2.70 15.11 -4.26
CA LEU A 296 2.92 16.27 -3.37
C LEU A 296 1.72 17.18 -3.38
N ASP A 297 1.37 17.75 -2.23
CA ASP A 297 0.28 18.74 -2.19
C ASP A 297 0.79 20.12 -2.66
N LYS A 298 -0.09 21.13 -2.54
CA LYS A 298 0.26 22.54 -2.85
C LYS A 298 1.58 22.91 -2.17
N ASP A 299 1.64 22.69 -0.86
CA ASP A 299 2.80 23.07 -0.07
C ASP A 299 4.09 22.22 -0.23
N GLY A 300 4.07 21.20 -1.09
CA GLY A 300 5.22 20.27 -1.23
C GLY A 300 5.28 19.11 -0.21
N HIS A 301 4.24 18.98 0.62
CA HIS A 301 4.10 17.88 1.53
C HIS A 301 3.56 16.64 0.81
N ILE A 302 3.82 15.49 1.45
CA ILE A 302 3.57 14.18 0.87
C ILE A 302 2.11 13.79 1.00
N LYS A 303 1.62 13.14 -0.04
CA LYS A 303 0.33 12.47 0.00
C LYS A 303 0.50 11.02 -0.45
N ILE A 304 -0.06 10.06 0.30
CA ILE A 304 -0.03 8.66 -0.07
C ILE A 304 -1.38 8.31 -0.65
N THR A 305 -1.32 7.81 -1.87
CA THR A 305 -2.42 7.47 -2.74
C THR A 305 -3.33 6.30 -2.28
N ASP A 306 -4.61 6.35 -2.66
CA ASP A 306 -5.60 5.24 -2.41
C ASP A 306 -6.38 4.87 -3.66
N PHE A 307 -5.70 4.68 -4.78
CA PHE A 307 -6.34 4.55 -6.07
C PHE A 307 -6.27 3.13 -6.61
N GLY A 308 -6.35 2.13 -5.74
CA GLY A 308 -6.26 0.75 -6.17
C GLY A 308 -7.50 0.23 -6.90
N LEU A 309 -7.27 -0.29 -8.11
CA LEU A 309 -8.35 -0.82 -8.97
C LEU A 309 -8.18 -2.28 -9.44
N CYS A 310 -6.93 -2.77 -9.53
CA CYS A 310 -6.68 -4.09 -10.09
C CYS A 310 -6.86 -5.15 -9.01
N PRO A 327 6.56 -5.09 -9.66
CA PRO A 327 7.47 -6.20 -9.40
C PRO A 327 8.76 -5.72 -8.77
N GLU A 328 9.33 -4.63 -9.26
CA GLU A 328 10.64 -4.14 -8.77
C GLU A 328 10.54 -3.69 -7.29
N TYR A 329 9.31 -3.60 -6.78
CA TYR A 329 9.10 -3.19 -5.40
C TYR A 329 8.63 -4.33 -4.51
N LEU A 330 8.41 -5.55 -5.05
CA LEU A 330 7.88 -6.61 -4.19
C LEU A 330 8.87 -7.18 -3.17
N ALA A 331 8.45 -7.21 -1.91
CA ALA A 331 9.23 -7.79 -0.83
C ALA A 331 9.52 -9.25 -1.06
N PRO A 332 10.67 -9.77 -0.60
CA PRO A 332 10.95 -11.17 -0.86
C PRO A 332 9.82 -12.07 -0.34
N GLU A 333 9.61 -12.00 0.96
CA GLU A 333 8.43 -12.51 1.66
C GLU A 333 7.12 -12.55 0.85
N VAL A 334 6.90 -11.59 -0.04
CA VAL A 334 5.66 -11.54 -0.82
C VAL A 334 5.81 -12.39 -2.07
N LEU A 335 6.99 -12.31 -2.68
CA LEU A 335 7.34 -13.16 -3.81
C LEU A 335 7.06 -14.60 -3.42
N GLU A 336 7.86 -15.14 -2.50
CA GLU A 336 7.73 -16.55 -2.08
C GLU A 336 6.37 -16.86 -1.39
N ASP A 337 5.55 -15.83 -1.21
CA ASP A 337 4.15 -16.01 -0.86
C ASP A 337 4.00 -16.64 0.55
N ASN A 338 4.65 -16.03 1.52
CA ASN A 338 4.47 -16.33 2.92
C ASN A 338 3.36 -15.50 3.55
N ASP A 339 3.16 -15.75 4.83
CA ASP A 339 2.62 -14.74 5.73
C ASP A 339 3.55 -13.51 5.67
N TYR A 340 2.94 -12.35 5.68
CA TYR A 340 3.68 -11.10 5.68
C TYR A 340 2.97 -10.17 6.68
N GLY A 341 3.50 -8.98 6.88
CA GLY A 341 2.96 -8.08 7.86
C GLY A 341 3.45 -6.70 7.60
N ARG A 342 3.47 -5.91 8.67
CA ARG A 342 3.91 -4.53 8.68
C ARG A 342 5.28 -4.31 8.07
N ALA A 343 6.14 -5.31 8.10
CA ALA A 343 7.48 -5.13 7.53
C ALA A 343 7.51 -4.97 6.00
N VAL A 344 6.46 -5.42 5.29
CA VAL A 344 6.45 -5.24 3.81
C VAL A 344 6.60 -3.76 3.48
N ASP A 345 5.89 -2.89 4.23
CA ASP A 345 5.89 -1.44 3.98
C ASP A 345 7.26 -0.87 4.20
N TRP A 346 8.03 -1.45 5.12
CA TRP A 346 9.42 -1.00 5.33
C TRP A 346 10.34 -1.46 4.18
N TRP A 347 10.13 -2.67 3.64
CA TRP A 347 10.85 -3.07 2.41
C TRP A 347 10.60 -2.04 1.36
N GLY A 348 9.33 -1.77 1.09
CA GLY A 348 8.93 -0.64 0.20
C GLY A 348 9.58 0.71 0.45
N LEU A 349 9.67 1.09 1.72
CA LEU A 349 10.27 2.38 2.10
C LEU A 349 11.75 2.41 1.72
N GLY A 350 12.44 1.32 1.93
CA GLY A 350 13.80 1.20 1.47
C GLY A 350 13.96 1.34 -0.04
N VAL A 351 13.14 0.62 -0.83
CA VAL A 351 13.20 0.72 -2.29
C VAL A 351 12.97 2.17 -2.73
N VAL A 352 11.91 2.79 -2.22
CA VAL A 352 11.59 4.18 -2.55
C VAL A 352 12.71 5.14 -2.14
N MET A 353 13.24 4.97 -0.94
CA MET A 353 14.37 5.78 -0.49
C MET A 353 15.68 5.48 -1.23
N TYR A 354 15.94 4.21 -1.53
CA TYR A 354 17.09 3.87 -2.33
C TYR A 354 17.06 4.60 -3.66
N GLU A 355 15.89 4.76 -4.24
CA GLU A 355 15.79 5.28 -5.60
C GLU A 355 15.80 6.79 -5.59
N MET A 356 15.36 7.38 -4.49
CA MET A 356 15.48 8.82 -4.30
C MET A 356 16.95 9.25 -4.17
N MET A 357 17.70 8.48 -3.39
CA MET A 357 19.04 8.88 -3.02
C MET A 357 20.12 8.31 -3.94
N CYS A 358 19.82 7.26 -4.69
CA CYS A 358 20.73 6.75 -5.73
C CYS A 358 20.25 7.00 -7.15
N GLY A 359 19.14 7.72 -7.33
CA GLY A 359 18.51 7.96 -8.66
C GLY A 359 18.33 6.75 -9.58
N ARG A 360 18.01 5.59 -9.02
CA ARG A 360 18.00 4.31 -9.76
C ARG A 360 17.45 3.21 -8.81
N LEU A 361 16.99 2.09 -9.34
CA LEU A 361 16.38 1.05 -8.52
C LEU A 361 17.41 0.09 -7.93
N PRO A 362 17.18 -0.40 -6.69
CA PRO A 362 18.15 -1.31 -6.06
C PRO A 362 18.35 -2.64 -6.77
N PHE A 363 17.32 -3.17 -7.41
CA PHE A 363 17.42 -4.38 -8.22
C PHE A 363 16.71 -4.12 -9.55
N TYR A 364 17.39 -4.37 -10.65
CA TYR A 364 16.79 -4.19 -11.95
C TYR A 364 17.12 -5.28 -12.92
N ASN A 365 16.23 -5.45 -13.88
CA ASN A 365 16.37 -6.41 -14.95
C ASN A 365 15.09 -6.51 -15.75
N GLN A 366 15.23 -6.62 -17.06
CA GLN A 366 14.13 -6.67 -17.99
C GLN A 366 13.27 -7.90 -17.82
N ASP A 367 13.88 -9.02 -17.51
CA ASP A 367 13.17 -10.25 -17.34
C ASP A 367 12.61 -10.32 -15.94
N HIS A 368 11.30 -10.48 -15.78
CA HIS A 368 10.73 -10.53 -14.45
C HIS A 368 11.24 -11.66 -13.63
N GLU A 369 11.51 -12.79 -14.24
CA GLU A 369 11.96 -14.00 -13.53
C GLU A 369 13.40 -13.84 -13.01
N LYS A 370 14.22 -13.10 -13.74
CA LYS A 370 15.56 -12.80 -13.26
C LYS A 370 15.52 -11.62 -12.29
N LEU A 371 14.53 -10.74 -12.43
CA LEU A 371 14.25 -9.74 -11.39
C LEU A 371 13.85 -10.41 -10.05
N PHE A 372 12.91 -11.33 -10.10
CA PHE A 372 12.49 -12.04 -8.92
C PHE A 372 13.65 -12.82 -8.31
N GLU A 373 14.49 -13.42 -9.16
CA GLU A 373 15.71 -14.05 -8.66
C GLU A 373 16.53 -13.02 -7.86
N LEU A 374 16.80 -11.86 -8.46
CA LEU A 374 17.62 -10.83 -7.84
C LEU A 374 17.08 -10.38 -6.49
N ILE A 375 15.75 -10.26 -6.39
CA ILE A 375 15.07 -9.77 -5.17
C ILE A 375 15.34 -10.77 -4.06
N LEU A 376 15.29 -12.05 -4.39
CA LEU A 376 15.46 -13.13 -3.42
C LEU A 376 16.89 -13.50 -3.07
N MET A 377 17.86 -13.18 -3.95
CA MET A 377 19.23 -13.77 -3.92
C MET A 377 20.40 -12.79 -3.93
N GLU A 378 20.34 -11.77 -4.77
CA GLU A 378 21.38 -10.75 -4.82
C GLU A 378 21.32 -9.85 -3.58
N GLU A 379 22.44 -9.71 -2.87
CA GLU A 379 22.64 -8.58 -1.96
C GLU A 379 22.82 -7.30 -2.77
N ILE A 380 22.70 -6.12 -2.15
CA ILE A 380 22.78 -4.86 -2.90
C ILE A 380 24.18 -4.31 -2.90
N ARG A 381 24.65 -3.91 -4.07
CA ARG A 381 25.82 -3.06 -4.17
C ARG A 381 25.37 -1.59 -4.04
N PHE A 382 25.64 -0.99 -2.88
CA PHE A 382 25.37 0.44 -2.65
C PHE A 382 26.40 1.33 -3.36
N PRO A 383 25.98 2.52 -3.79
CA PRO A 383 26.95 3.47 -4.37
C PRO A 383 28.04 3.95 -3.38
N ARG A 384 29.25 4.19 -3.89
CA ARG A 384 30.27 4.90 -3.11
C ARG A 384 29.86 6.38 -2.80
N THR A 385 28.96 6.95 -3.59
CA THR A 385 28.63 8.38 -3.50
C THR A 385 27.64 8.72 -2.39
N LEU A 386 27.59 7.91 -1.32
CA LEU A 386 26.42 7.88 -0.43
C LEU A 386 26.77 7.75 1.05
N GLY A 387 26.28 8.72 1.83
CA GLY A 387 26.47 8.80 3.29
C GLY A 387 26.26 7.50 4.08
N PRO A 388 27.05 7.31 5.15
CA PRO A 388 27.07 6.02 5.86
C PRO A 388 25.84 5.76 6.74
N GLU A 389 25.18 6.83 7.21
CA GLU A 389 23.90 6.67 7.92
C GLU A 389 22.78 6.24 6.92
N ALA A 390 22.78 6.86 5.73
CA ALA A 390 21.91 6.43 4.62
C ALA A 390 22.10 4.96 4.26
N LYS A 391 23.33 4.60 4.00
CA LYS A 391 23.68 3.23 3.72
C LYS A 391 23.10 2.30 4.79
N SER A 392 23.23 2.70 6.05
CA SER A 392 22.78 1.88 7.16
C SER A 392 21.26 1.73 7.13
N LEU A 393 20.56 2.85 6.90
CA LEU A 393 19.08 2.82 6.78
C LEU A 393 18.62 1.86 5.67
N LEU A 394 19.09 2.11 4.46
CA LEU A 394 18.76 1.26 3.34
C LEU A 394 19.11 -0.20 3.58
N SER A 395 20.24 -0.48 4.20
CA SER A 395 20.68 -1.87 4.34
C SER A 395 19.72 -2.56 5.23
N GLY A 396 19.28 -1.86 6.29
CA GLY A 396 18.35 -2.46 7.24
C GLY A 396 16.93 -2.55 6.73
N LEU A 397 16.48 -1.51 6.01
CA LEU A 397 15.16 -1.52 5.34
C LEU A 397 15.06 -2.62 4.26
N LEU A 398 16.21 -2.97 3.66
CA LEU A 398 16.20 -3.92 2.56
C LEU A 398 16.70 -5.30 2.95
N LYS A 399 16.76 -5.60 4.23
CA LYS A 399 17.00 -7.00 4.64
C LYS A 399 15.91 -7.92 4.14
N LYS A 400 16.32 -9.06 3.60
CA LYS A 400 15.42 -10.00 2.96
C LYS A 400 14.53 -10.75 3.93
N ASP A 401 14.99 -10.90 5.18
CA ASP A 401 14.17 -11.55 6.18
C ASP A 401 13.41 -10.50 6.96
N PRO A 402 12.08 -10.48 6.80
CA PRO A 402 11.26 -9.50 7.48
C PRO A 402 11.51 -9.41 9.00
N LYS A 403 11.69 -10.52 9.67
CA LYS A 403 11.90 -10.52 11.12
C LYS A 403 13.20 -9.76 11.51
N GLN A 404 14.24 -9.83 10.66
CA GLN A 404 15.49 -9.11 10.91
C GLN A 404 15.49 -7.65 10.40
N ARG A 405 14.61 -7.35 9.46
CA ARG A 405 14.56 -6.02 8.82
C ARG A 405 14.35 -4.91 9.83
N LEU A 406 14.83 -3.75 9.48
CA LEU A 406 14.61 -2.55 10.29
C LEU A 406 13.13 -2.16 10.25
N GLY A 407 12.53 -1.93 11.40
CA GLY A 407 11.09 -1.72 11.47
C GLY A 407 10.33 -3.01 11.65
N GLY A 408 11.01 -4.13 11.58
CA GLY A 408 10.36 -5.43 11.53
C GLY A 408 10.07 -6.11 12.85
N GLY A 409 10.42 -5.45 13.97
CA GLY A 409 10.26 -6.02 15.29
C GLY A 409 8.95 -5.63 15.93
N SER A 410 8.84 -5.82 17.24
CA SER A 410 7.63 -5.49 17.98
C SER A 410 7.42 -3.96 17.98
N GLU A 411 8.53 -3.22 17.96
CA GLU A 411 8.47 -1.76 18.03
C GLU A 411 8.06 -1.12 16.71
N ASP A 412 8.17 -1.88 15.63
CA ASP A 412 7.71 -1.50 14.29
C ASP A 412 8.33 -0.18 13.83
N ALA A 413 7.53 0.87 13.70
CA ALA A 413 8.06 2.11 13.19
C ALA A 413 8.99 2.82 14.15
N LYS A 414 8.89 2.58 15.46
CA LYS A 414 9.78 3.28 16.46
C LYS A 414 11.25 2.99 16.15
N GLU A 415 11.49 1.80 15.63
CA GLU A 415 12.85 1.40 15.24
C GLU A 415 13.43 2.17 14.03
N ILE A 416 12.57 2.75 13.19
CA ILE A 416 13.02 3.58 12.05
C ILE A 416 13.21 5.03 12.52
N MET A 417 12.21 5.50 13.25
CA MET A 417 12.20 6.83 13.76
C MET A 417 13.46 7.17 14.60
N GLN A 418 14.07 6.18 15.24
CA GLN A 418 15.24 6.46 16.07
C GLN A 418 16.53 5.93 15.45
N HIS A 419 16.57 5.83 14.14
CA HIS A 419 17.80 5.56 13.41
C HIS A 419 18.56 6.85 13.31
N ARG A 420 19.90 6.73 13.28
CA ARG A 420 20.79 7.85 13.10
C ARG A 420 20.31 8.82 12.00
N PHE A 421 20.16 8.31 10.78
CA PHE A 421 19.59 9.02 9.63
C PHE A 421 18.47 9.98 9.99
N PHE A 422 17.61 9.61 10.94
CA PHE A 422 16.53 10.49 11.34
C PHE A 422 16.83 11.20 12.66
N ALA A 423 18.07 11.63 12.87
CA ALA A 423 18.44 12.27 14.14
C ALA A 423 17.96 13.70 14.16
N GLY A 424 17.36 14.09 15.27
CA GLY A 424 16.77 15.41 15.40
C GLY A 424 15.60 15.66 14.47
N ILE A 425 14.77 14.65 14.22
CA ILE A 425 13.42 14.84 13.66
C ILE A 425 12.47 14.82 14.84
N VAL A 426 11.61 15.81 14.96
CA VAL A 426 10.62 15.77 16.03
C VAL A 426 9.36 15.21 15.43
N TRP A 427 8.98 14.03 15.86
CA TRP A 427 7.94 13.28 15.15
C TRP A 427 6.55 13.93 15.28
N GLN A 428 6.23 14.45 16.44
CA GLN A 428 5.01 15.21 16.59
C GLN A 428 5.05 16.42 15.65
N HIS A 429 6.23 16.98 15.42
CA HIS A 429 6.39 18.05 14.43
C HIS A 429 5.91 17.55 13.08
N VAL A 430 6.41 16.38 12.66
CA VAL A 430 6.10 15.79 11.35
C VAL A 430 4.58 15.62 11.15
N TYR A 431 3.97 14.92 12.08
CA TYR A 431 2.54 14.73 12.12
C TYR A 431 1.72 16.02 11.98
N GLU A 432 2.17 17.12 12.60
CA GLU A 432 1.50 18.44 12.51
C GLU A 432 2.05 19.26 11.34
N LYS A 433 2.65 18.60 10.36
CA LYS A 433 3.19 19.26 9.17
C LYS A 433 4.05 20.47 9.53
N LYS A 434 4.96 20.32 10.48
CA LYS A 434 5.83 21.45 10.90
C LYS A 434 7.22 21.44 10.29
N LEU A 435 7.52 20.42 9.47
CA LEU A 435 8.78 20.37 8.75
C LEU A 435 8.67 21.33 7.59
N SER A 436 9.81 21.87 7.16
CA SER A 436 9.82 22.85 6.07
C SER A 436 10.12 22.11 4.78
N PRO A 437 9.12 22.00 3.89
CA PRO A 437 9.38 21.23 2.67
C PRO A 437 10.55 21.84 1.94
N PRO A 438 11.48 21.02 1.46
CA PRO A 438 12.52 21.62 0.64
C PRO A 438 11.98 22.13 -0.69
N PHE A 439 11.18 21.31 -1.36
CA PHE A 439 10.61 21.63 -2.68
C PHE A 439 9.20 22.14 -2.51
N LYS A 440 8.91 23.31 -3.05
CA LYS A 440 7.54 23.76 -3.24
C LYS A 440 7.25 23.75 -4.75
N PRO A 441 6.21 22.99 -5.17
CA PRO A 441 5.80 22.96 -6.60
C PRO A 441 5.13 24.25 -7.11
N GLN A 442 5.19 24.45 -8.44
CA GLN A 442 4.58 25.63 -9.09
C GLN A 442 3.04 25.60 -8.98
N VAL A 443 2.53 26.21 -7.91
CA VAL A 443 1.11 26.14 -7.60
C VAL A 443 0.67 27.26 -6.63
N THR A 444 -0.35 28.01 -7.06
CA THR A 444 -0.85 29.17 -6.32
C THR A 444 -1.93 28.75 -5.31
N SER A 445 -2.97 28.08 -5.83
CA SER A 445 -4.09 27.63 -5.01
C SER A 445 -4.24 26.11 -5.09
N GLU A 446 -4.98 25.55 -4.11
CA GLU A 446 -5.45 24.15 -4.16
C GLU A 446 -5.99 23.74 -5.53
N THR A 447 -6.35 24.73 -6.35
CA THR A 447 -7.06 24.48 -7.59
C THR A 447 -6.27 24.78 -8.86
N ASP A 448 -4.95 24.93 -8.72
CA ASP A 448 -4.08 25.29 -9.83
C ASP A 448 -3.84 24.03 -10.66
N THR A 449 -4.54 23.96 -11.79
CA THR A 449 -4.50 22.81 -12.69
C THR A 449 -3.15 22.64 -13.43
N ARG A 450 -2.14 23.42 -13.02
CA ARG A 450 -0.82 23.39 -13.68
C ARG A 450 -0.26 21.97 -13.70
N TYR A 451 -0.44 21.23 -12.59
CA TYR A 451 0.11 19.86 -12.48
C TYR A 451 -0.82 18.75 -13.02
N PHE A 452 -2.12 19.05 -13.18
CA PHE A 452 -3.01 18.16 -13.94
C PHE A 452 -2.80 18.39 -15.43
#